data_1VCO
#
_entry.id   1VCO
#
_cell.length_a   85.73
_cell.length_b   120.88
_cell.length_c   143.32
_cell.angle_alpha   90
_cell.angle_beta   90
_cell.angle_gamma   90
#
_symmetry.space_group_name_H-M   'I 2 2 2'
#
loop_
_entity.id
_entity.type
_entity.pdbx_description
1 polymer 'CTP synthetase'
2 non-polymer GLUTAMINE
3 water water
#
_entity_poly.entity_id   1
_entity_poly.type   'polypeptide(L)'
_entity_poly.pdbx_seq_one_letter_code
;MNGSADAGPRPRKYVFITGGVVSSLGKGILTSSLGALLRARGYRVTAIKIDPYVNVDAGTMRPYEHGEVFVTADGAETDL
DIGHYERFLDMDLSRGNNLTTGQVYLSVIQKERRGEYLSQTVQVIPHITDEIKERIRKVAEEQKAEIVVVEVGGTVGDIE
SLPFLEAIRQFRFDEGEGNTLYLHLTLVPYLETSEEFKTKPTQHSVATLRGVGIQPDILVLRSARPVPEEVRRKVALFTN
VRPGHVFSSPTVEHLYEVPLLLEEQGLGRAVERALGLEAVIPNLSFWQEAVRVLKHPERTVKIAIAGKYVKMPDAYLSLL
EALRHAGIKNRARVEVKWVDAESLEAADLEEAFRDVSGILVPGGFGVRGIEGKVRAAQYARERKIPYLGICLGLQIAVIE
FARNVAGLKGANSTEFDPHTPHPVIDLMPEQLEVEGLGGTMRLGDWPMRIKPGTLLHRLYGKEEVLERHRHRYEVNPLYV
DGLERAGLVVSATTPGMRGRGAGLVEAIELKDHPFFLGLQSHPEFKSRPMRPSPPFVGFVEAALAYQERA
;
_entity_poly.pdbx_strand_id   A
#
# COMPACT_ATOMS: atom_id res chain seq x y z
N ARG A 10 26.51 2.00 18.82
CA ARG A 10 25.10 1.54 18.94
C ARG A 10 24.77 0.56 17.80
N PRO A 11 24.70 -0.73 18.11
CA PRO A 11 24.40 -1.78 17.12
C PRO A 11 23.01 -1.69 16.51
N ARG A 12 22.91 -2.10 15.25
CA ARG A 12 21.64 -2.13 14.53
C ARG A 12 20.85 -3.32 15.06
N LYS A 13 19.55 -3.15 15.31
CA LYS A 13 18.74 -4.24 15.84
C LYS A 13 17.83 -4.86 14.76
N TYR A 14 17.70 -6.19 14.79
CA TYR A 14 16.85 -6.87 13.82
C TYR A 14 15.73 -7.67 14.50
N VAL A 15 14.50 -7.45 14.05
CA VAL A 15 13.34 -8.15 14.57
C VAL A 15 12.74 -8.91 13.39
N PHE A 16 12.78 -10.23 13.46
CA PHE A 16 12.24 -11.07 12.40
C PHE A 16 10.84 -11.57 12.76
N ILE A 17 9.96 -11.63 11.77
CA ILE A 17 8.60 -12.08 11.99
C ILE A 17 8.21 -13.19 11.04
N THR A 18 7.86 -14.35 11.61
CA THR A 18 7.44 -15.50 10.83
C THR A 18 6.00 -15.84 11.15
N GLY A 19 5.40 -16.68 10.33
CA GLY A 19 4.02 -17.05 10.52
C GLY A 19 3.88 -18.54 10.44
N GLY A 20 2.93 -19.10 11.19
CA GLY A 20 2.74 -20.54 11.18
C GLY A 20 1.29 -20.97 11.17
N VAL A 21 1.08 -22.27 10.92
CA VAL A 21 -0.25 -22.89 10.87
C VAL A 21 -0.98 -22.60 9.55
N VAL A 22 -1.33 -21.35 9.33
CA VAL A 22 -2.01 -20.97 8.09
C VAL A 22 -1.40 -19.70 7.50
N SER A 23 -1.58 -19.54 6.20
CA SER A 23 -1.03 -18.41 5.46
C SER A 23 -1.62 -17.03 5.74
N SER A 24 -2.86 -16.98 6.21
CA SER A 24 -3.49 -15.70 6.47
C SER A 24 -3.71 -15.47 7.95
N LEU A 25 -2.97 -14.53 8.52
CA LEU A 25 -3.06 -14.23 9.93
C LEU A 25 -2.98 -12.74 10.21
N GLY A 26 -2.82 -11.94 9.14
CA GLY A 26 -2.70 -10.50 9.30
C GLY A 26 -1.27 -10.15 9.71
N LYS A 27 -0.32 -11.00 9.31
CA LYS A 27 1.08 -10.77 9.65
C LYS A 27 1.61 -9.48 9.04
N GLY A 28 1.00 -9.01 7.96
CA GLY A 28 1.44 -7.78 7.33
C GLY A 28 1.13 -6.60 8.25
N ILE A 29 -0.07 -6.62 8.83
CA ILE A 29 -0.49 -5.56 9.73
C ILE A 29 0.24 -5.67 11.09
N LEU A 30 0.66 -6.88 11.45
CA LEU A 30 1.39 -7.05 12.72
C LEU A 30 2.75 -6.38 12.56
N THR A 31 3.40 -6.64 11.43
CA THR A 31 4.70 -6.07 11.12
C THR A 31 4.56 -4.55 11.12
N SER A 32 3.56 -4.06 10.41
CA SER A 32 3.30 -2.63 10.33
C SER A 32 3.06 -2.04 11.71
N SER A 33 2.24 -2.72 12.51
CA SER A 33 1.92 -2.25 13.86
C SER A 33 3.14 -2.21 14.77
N LEU A 34 4.01 -3.19 14.68
CA LEU A 34 5.18 -3.16 15.53
C LEU A 34 6.06 -2.02 15.00
N GLY A 35 6.06 -1.83 13.69
CA GLY A 35 6.85 -0.75 13.11
C GLY A 35 6.40 0.58 13.71
N ALA A 36 5.10 0.77 13.82
CA ALA A 36 4.54 2.01 14.35
C ALA A 36 4.91 2.23 15.82
N LEU A 37 4.85 1.16 16.60
CA LEU A 37 5.18 1.27 18.02
C LEU A 37 6.64 1.66 18.20
N LEU A 38 7.49 1.18 17.32
CA LEU A 38 8.91 1.50 17.41
C LEU A 38 9.17 2.95 16.95
N ARG A 39 8.48 3.40 15.91
CA ARG A 39 8.66 4.77 15.44
C ARG A 39 8.08 5.72 16.48
N ALA A 40 7.02 5.29 17.16
CA ALA A 40 6.40 6.10 18.20
C ALA A 40 7.35 6.23 19.39
N ARG A 41 8.51 5.58 19.31
CA ARG A 41 9.49 5.65 20.38
C ARG A 41 10.68 6.46 19.93
N GLY A 42 10.57 7.05 18.74
CA GLY A 42 11.63 7.88 18.22
C GLY A 42 12.71 7.20 17.41
N TYR A 43 12.60 5.88 17.23
CA TYR A 43 13.59 5.13 16.48
C TYR A 43 13.45 5.30 14.98
N ARG A 44 14.57 5.17 14.27
CA ARG A 44 14.55 5.24 12.82
C ARG A 44 14.36 3.76 12.49
N VAL A 45 13.26 3.44 11.83
CA VAL A 45 12.94 2.07 11.51
C VAL A 45 12.67 1.84 10.03
N THR A 46 12.73 0.58 9.63
CA THR A 46 12.40 0.21 8.26
C THR A 46 11.96 -1.24 8.27
N ALA A 47 11.03 -1.56 7.38
CA ALA A 47 10.51 -2.92 7.29
C ALA A 47 10.80 -3.48 5.92
N ILE A 48 11.12 -4.76 5.89
CA ILE A 48 11.41 -5.48 4.66
C ILE A 48 10.41 -6.64 4.56
N LYS A 49 9.73 -6.72 3.44
CA LYS A 49 8.79 -7.81 3.23
C LYS A 49 9.41 -8.86 2.34
N ILE A 50 9.62 -10.06 2.87
CA ILE A 50 10.19 -11.13 2.06
C ILE A 50 9.02 -11.88 1.44
N ASP A 51 8.97 -11.92 0.13
CA ASP A 51 7.92 -12.66 -0.58
C ASP A 51 8.59 -13.83 -1.28
N PRO A 52 8.44 -15.03 -0.70
CA PRO A 52 9.02 -16.27 -1.24
C PRO A 52 8.68 -16.60 -2.69
N TYR A 53 7.74 -15.90 -3.30
CA TYR A 53 7.43 -16.24 -4.68
C TYR A 53 8.59 -16.00 -5.65
N VAL A 54 8.54 -16.69 -6.78
CA VAL A 54 9.60 -16.64 -7.78
C VAL A 54 9.60 -15.39 -8.66
N ASN A 55 8.49 -14.66 -8.69
CA ASN A 55 8.42 -13.43 -9.48
C ASN A 55 9.52 -12.49 -8.98
N VAL A 56 10.29 -11.92 -9.90
CA VAL A 56 11.35 -10.99 -9.52
C VAL A 56 10.72 -9.83 -8.75
N ASP A 57 9.61 -9.33 -9.26
CA ASP A 57 8.86 -8.26 -8.62
C ASP A 57 7.40 -8.38 -9.02
N ALA A 58 6.55 -7.50 -8.51
CA ALA A 58 5.13 -7.57 -8.82
C ALA A 58 4.79 -6.95 -10.17
N GLY A 59 5.83 -6.62 -10.94
CA GLY A 59 5.63 -5.99 -12.24
C GLY A 59 4.90 -6.76 -13.33
N THR A 60 4.99 -8.08 -13.33
CA THR A 60 4.32 -8.87 -14.37
C THR A 60 2.92 -9.32 -13.97
N MET A 61 2.50 -8.99 -12.76
CA MET A 61 1.18 -9.37 -12.27
C MET A 61 0.12 -8.35 -12.68
N ARG A 62 -1.15 -8.69 -12.46
CA ARG A 62 -2.25 -7.78 -12.78
C ARG A 62 -2.16 -6.70 -11.72
N PRO A 63 -2.19 -5.42 -12.13
CA PRO A 63 -2.11 -4.29 -11.20
C PRO A 63 -3.24 -4.17 -10.17
N TYR A 64 -4.44 -4.63 -10.52
CA TYR A 64 -5.58 -4.52 -9.60
C TYR A 64 -6.33 -5.82 -9.27
N GLU A 65 -6.80 -6.49 -10.32
CA GLU A 65 -7.59 -7.71 -10.22
C GLU A 65 -7.37 -8.66 -9.05
N HIS A 66 -6.15 -9.16 -8.88
CA HIS A 66 -5.88 -10.09 -7.78
C HIS A 66 -5.27 -9.38 -6.57
N GLY A 67 -5.67 -8.13 -6.36
CA GLY A 67 -5.13 -7.36 -5.26
C GLY A 67 -4.17 -6.31 -5.80
N GLU A 68 -4.21 -5.13 -5.21
CA GLU A 68 -3.36 -4.02 -5.65
C GLU A 68 -1.86 -4.29 -5.60
N VAL A 69 -1.15 -3.69 -6.56
CA VAL A 69 0.29 -3.76 -6.63
C VAL A 69 0.72 -2.35 -6.25
N PHE A 70 1.45 -2.23 -5.14
CA PHE A 70 1.91 -0.95 -4.65
C PHE A 70 3.07 -0.44 -5.47
N VAL A 71 3.22 0.89 -5.53
CA VAL A 71 4.32 1.49 -6.26
C VAL A 71 5.05 2.43 -5.30
N THR A 72 6.36 2.29 -5.22
CA THR A 72 7.16 3.11 -4.33
C THR A 72 7.69 4.36 -5.04
N ALA A 73 8.19 5.31 -4.26
CA ALA A 73 8.71 6.55 -4.81
C ALA A 73 9.72 6.31 -5.92
N ASP A 74 10.50 5.23 -5.82
CA ASP A 74 11.49 4.95 -6.84
C ASP A 74 10.92 4.23 -8.04
N GLY A 75 9.60 4.07 -8.07
CA GLY A 75 8.97 3.42 -9.20
C GLY A 75 8.89 1.90 -9.16
N ALA A 76 9.30 1.30 -8.05
CA ALA A 76 9.24 -0.16 -7.96
C ALA A 76 7.79 -0.61 -7.77
N GLU A 77 7.45 -1.73 -8.42
CA GLU A 77 6.12 -2.29 -8.31
C GLU A 77 6.29 -3.44 -7.32
N THR A 78 5.68 -3.30 -6.15
CA THR A 78 5.83 -4.28 -5.09
C THR A 78 4.54 -4.88 -4.55
N ASP A 79 4.69 -5.78 -3.58
CA ASP A 79 3.56 -6.41 -2.92
C ASP A 79 2.82 -5.33 -2.15
N LEU A 80 1.51 -5.51 -1.94
CA LEU A 80 0.72 -4.50 -1.23
C LEU A 80 1.16 -4.23 0.21
N ASP A 81 1.87 -5.17 0.82
CA ASP A 81 2.32 -4.96 2.20
C ASP A 81 3.19 -3.71 2.35
N ILE A 82 4.01 -3.42 1.33
CA ILE A 82 4.86 -2.23 1.40
C ILE A 82 3.98 -1.00 1.67
N GLY A 83 2.79 -1.00 1.10
CA GLY A 83 1.90 0.12 1.33
C GLY A 83 1.52 0.21 2.80
N HIS A 84 1.17 -0.93 3.39
CA HIS A 84 0.80 -0.95 4.80
C HIS A 84 1.95 -0.31 5.61
N TYR A 85 3.22 -0.93 5.22
CA TYR A 85 4.44 -0.52 5.91
C TYR A 85 4.59 1.01 5.84
N GLU A 86 4.49 1.57 4.64
CA GLU A 86 4.64 3.01 4.49
C GLU A 86 3.63 3.78 5.34
N ARG A 87 2.39 3.33 5.34
CA ARG A 87 1.36 3.99 6.11
C ARG A 87 1.55 3.95 7.62
N PHE A 88 1.95 2.80 8.17
CA PHE A 88 2.15 2.71 9.61
C PHE A 88 3.44 3.32 10.12
N LEU A 89 4.50 3.27 9.32
CA LEU A 89 5.80 3.83 9.69
C LEU A 89 5.95 5.29 9.27
N ASP A 90 5.10 5.71 8.34
CA ASP A 90 5.14 7.06 7.80
C ASP A 90 6.50 7.36 7.20
N MET A 91 6.85 6.61 6.16
CA MET A 91 8.11 6.82 5.46
C MET A 91 8.08 6.09 4.11
N ASP A 92 8.83 6.61 3.15
CA ASP A 92 8.88 6.00 1.83
C ASP A 92 9.80 4.81 1.87
N LEU A 93 9.40 3.71 1.24
CA LEU A 93 10.23 2.53 1.17
C LEU A 93 10.67 2.45 -0.28
N SER A 94 11.47 1.44 -0.61
CA SER A 94 11.91 1.34 -1.98
C SER A 94 11.93 -0.10 -2.44
N ARG A 95 12.44 -0.30 -3.64
CA ARG A 95 12.53 -1.63 -4.23
C ARG A 95 13.22 -2.63 -3.30
N GLY A 96 14.20 -2.17 -2.54
CA GLY A 96 14.92 -3.03 -1.64
C GLY A 96 14.14 -3.53 -0.44
N ASN A 97 12.94 -3.00 -0.24
CA ASN A 97 12.14 -3.43 0.90
C ASN A 97 11.21 -4.59 0.61
N ASN A 98 11.25 -5.10 -0.61
CA ASN A 98 10.43 -6.23 -1.03
C ASN A 98 11.43 -7.19 -1.68
N LEU A 99 11.79 -8.23 -0.92
CA LEU A 99 12.76 -9.24 -1.33
C LEU A 99 12.04 -10.49 -1.80
N THR A 100 12.38 -11.00 -2.97
CA THR A 100 11.72 -12.20 -3.48
C THR A 100 12.69 -13.31 -3.83
N THR A 101 12.16 -14.52 -4.03
CA THR A 101 13.01 -15.65 -4.41
C THR A 101 13.63 -15.37 -5.78
N GLY A 102 12.83 -14.88 -6.72
CA GLY A 102 13.34 -14.57 -8.05
C GLY A 102 14.55 -13.64 -8.03
N GLN A 103 14.46 -12.57 -7.24
CA GLN A 103 15.56 -11.61 -7.13
C GLN A 103 16.84 -12.31 -6.66
N VAL A 104 16.72 -13.01 -5.54
CA VAL A 104 17.84 -13.72 -4.93
C VAL A 104 18.49 -14.78 -5.80
N TYR A 105 17.69 -15.68 -6.35
CA TYR A 105 18.27 -16.70 -7.19
C TYR A 105 18.83 -16.09 -8.49
N LEU A 106 18.15 -15.09 -9.06
CA LEU A 106 18.64 -14.47 -10.30
C LEU A 106 20.01 -13.81 -10.13
N SER A 107 20.20 -13.04 -9.05
CA SER A 107 21.50 -12.37 -8.85
C SER A 107 22.62 -13.37 -8.65
N VAL A 108 22.38 -14.38 -7.82
CA VAL A 108 23.38 -15.40 -7.56
C VAL A 108 23.69 -16.17 -8.83
N ILE A 109 22.66 -16.51 -9.59
CA ILE A 109 22.85 -17.25 -10.82
C ILE A 109 23.61 -16.42 -11.86
N GLN A 110 23.18 -15.18 -12.05
CA GLN A 110 23.87 -14.30 -13.01
C GLN A 110 25.32 -14.12 -12.56
N LYS A 111 25.52 -14.05 -11.24
CA LYS A 111 26.87 -13.88 -10.71
C LYS A 111 27.78 -15.07 -11.01
N GLU A 112 27.26 -16.30 -10.92
CA GLU A 112 28.13 -17.43 -11.20
C GLU A 112 28.35 -17.66 -12.69
N ARG A 113 27.43 -17.17 -13.53
CA ARG A 113 27.62 -17.32 -14.96
C ARG A 113 28.75 -16.38 -15.40
N ARG A 114 28.89 -15.26 -14.68
CA ARG A 114 29.94 -14.29 -14.97
C ARG A 114 31.25 -14.77 -14.33
N GLY A 115 31.18 -15.91 -13.66
CA GLY A 115 32.37 -16.47 -13.03
C GLY A 115 32.84 -15.73 -11.79
N GLU A 116 32.01 -14.84 -11.27
CA GLU A 116 32.37 -14.07 -10.09
C GLU A 116 32.46 -14.87 -8.79
N TYR A 117 32.11 -16.14 -8.82
CA TYR A 117 32.23 -16.96 -7.62
C TYR A 117 33.56 -17.70 -7.63
N LEU A 118 34.40 -17.34 -8.60
CA LEU A 118 35.74 -17.90 -8.73
C LEU A 118 35.88 -19.42 -8.83
N SER A 119 35.12 -20.02 -9.73
CA SER A 119 35.20 -21.47 -9.97
C SER A 119 34.70 -22.42 -8.89
N GLN A 120 34.12 -21.91 -7.81
CA GLN A 120 33.64 -22.81 -6.78
C GLN A 120 32.19 -23.24 -7.04
N THR A 121 31.77 -24.31 -6.36
CA THR A 121 30.41 -24.82 -6.48
C THR A 121 29.51 -23.90 -5.68
N VAL A 122 28.51 -23.34 -6.35
CA VAL A 122 27.59 -22.42 -5.70
C VAL A 122 26.36 -23.16 -5.17
N GLN A 123 25.96 -22.87 -3.94
CA GLN A 123 24.82 -23.54 -3.34
C GLN A 123 23.84 -22.66 -2.56
N VAL A 124 22.63 -23.16 -2.37
CA VAL A 124 21.62 -22.43 -1.61
C VAL A 124 22.30 -21.93 -0.34
N ILE A 125 23.00 -22.83 0.35
CA ILE A 125 23.74 -22.44 1.54
C ILE A 125 25.19 -22.70 1.13
N PRO A 126 26.07 -21.70 1.29
CA PRO A 126 25.84 -20.36 1.83
C PRO A 126 25.56 -19.24 0.81
N HIS A 127 25.68 -19.55 -0.47
CA HIS A 127 25.51 -18.51 -1.49
C HIS A 127 24.14 -17.85 -1.61
N ILE A 128 23.07 -18.62 -1.71
CA ILE A 128 21.75 -18.00 -1.80
C ILE A 128 21.49 -17.29 -0.46
N THR A 129 21.80 -17.95 0.65
CA THR A 129 21.58 -17.34 1.95
C THR A 129 22.43 -16.09 2.17
N ASP A 130 23.65 -16.04 1.63
CA ASP A 130 24.48 -14.83 1.77
C ASP A 130 23.80 -13.66 1.04
N GLU A 131 23.32 -13.93 -0.18
CA GLU A 131 22.65 -12.90 -0.98
C GLU A 131 21.48 -12.30 -0.21
N ILE A 132 20.65 -13.16 0.40
CA ILE A 132 19.49 -12.72 1.18
C ILE A 132 19.92 -11.80 2.34
N LYS A 133 20.87 -12.25 3.13
CA LYS A 133 21.34 -11.44 4.25
C LYS A 133 21.93 -10.12 3.76
N GLU A 134 22.73 -10.17 2.69
CA GLU A 134 23.36 -8.98 2.14
C GLU A 134 22.33 -7.94 1.68
N ARG A 135 21.26 -8.41 1.04
CA ARG A 135 20.23 -7.48 0.58
C ARG A 135 19.52 -6.88 1.78
N ILE A 136 19.28 -7.69 2.81
CA ILE A 136 18.61 -7.18 4.01
C ILE A 136 19.46 -6.05 4.64
N ARG A 137 20.76 -6.28 4.77
CA ARG A 137 21.63 -5.28 5.37
C ARG A 137 21.82 -4.05 4.49
N LYS A 138 21.98 -4.27 3.18
CA LYS A 138 22.17 -3.18 2.25
C LYS A 138 21.05 -2.15 2.33
N VAL A 139 19.80 -2.62 2.24
CA VAL A 139 18.69 -1.70 2.30
C VAL A 139 18.57 -1.03 3.65
N ALA A 140 18.86 -1.75 4.73
CA ALA A 140 18.78 -1.16 6.07
C ALA A 140 19.84 -0.08 6.22
N GLU A 141 20.99 -0.30 5.61
CA GLU A 141 22.06 0.69 5.66
C GLU A 141 21.65 1.95 4.93
N GLU A 142 21.22 1.80 3.68
CA GLU A 142 20.80 2.94 2.87
C GLU A 142 19.76 3.80 3.59
N GLN A 143 18.90 3.17 4.37
CA GLN A 143 17.86 3.90 5.08
C GLN A 143 18.25 4.26 6.50
N LYS A 144 19.52 4.07 6.84
CA LYS A 144 20.03 4.40 8.16
C LYS A 144 19.11 3.93 9.28
N ALA A 145 18.67 2.68 9.19
CA ALA A 145 17.77 2.13 10.18
C ALA A 145 18.49 1.73 11.47
N GLU A 146 17.84 2.01 12.59
CA GLU A 146 18.38 1.67 13.90
C GLU A 146 17.76 0.31 14.25
N ILE A 147 16.52 0.12 13.85
CA ILE A 147 15.79 -1.12 14.06
C ILE A 147 15.15 -1.52 12.74
N VAL A 148 15.35 -2.76 12.34
CA VAL A 148 14.77 -3.24 11.09
C VAL A 148 13.86 -4.43 11.35
N VAL A 149 12.62 -4.33 10.87
CA VAL A 149 11.64 -5.38 11.05
C VAL A 149 11.50 -6.14 9.74
N VAL A 150 11.82 -7.43 9.76
CA VAL A 150 11.76 -8.26 8.57
C VAL A 150 10.65 -9.27 8.68
N GLU A 151 9.72 -9.23 7.73
CA GLU A 151 8.61 -10.15 7.72
C GLU A 151 8.84 -11.24 6.69
N VAL A 152 8.78 -12.50 7.11
CA VAL A 152 8.97 -13.60 6.18
C VAL A 152 7.60 -14.05 5.64
N GLY A 153 7.42 -13.90 4.33
CA GLY A 153 6.18 -14.29 3.69
C GLY A 153 6.06 -15.81 3.70
N GLY A 154 4.95 -16.33 3.21
CA GLY A 154 4.79 -17.78 3.19
C GLY A 154 4.42 -18.26 4.59
N THR A 155 4.53 -19.57 4.81
CA THR A 155 4.20 -20.17 6.10
C THR A 155 5.29 -21.16 6.51
N VAL A 156 5.74 -21.07 7.76
CA VAL A 156 6.76 -21.99 8.24
C VAL A 156 6.23 -23.39 7.97
N GLY A 157 7.07 -24.23 7.36
CA GLY A 157 6.66 -25.56 7.03
C GLY A 157 6.54 -25.76 5.53
N ASP A 158 6.58 -24.68 4.76
CA ASP A 158 6.48 -24.84 3.32
C ASP A 158 7.88 -24.86 2.72
N ILE A 159 7.98 -25.24 1.46
CA ILE A 159 9.28 -25.33 0.83
C ILE A 159 9.88 -23.97 0.46
N GLU A 160 9.10 -23.11 -0.18
CA GLU A 160 9.59 -21.80 -0.63
C GLU A 160 10.30 -20.89 0.37
N SER A 161 9.82 -20.83 1.61
CA SER A 161 10.45 -19.95 2.60
C SER A 161 11.70 -20.50 3.29
N LEU A 162 12.04 -21.77 3.06
CA LEU A 162 13.20 -22.36 3.71
C LEU A 162 14.51 -21.59 3.56
N PRO A 163 14.87 -21.16 2.33
CA PRO A 163 16.12 -20.42 2.19
C PRO A 163 16.13 -19.15 3.02
N PHE A 164 14.97 -18.53 3.15
CA PHE A 164 14.86 -17.29 3.91
C PHE A 164 14.88 -17.52 5.42
N LEU A 165 14.28 -18.61 5.88
CA LEU A 165 14.27 -18.90 7.31
C LEU A 165 15.72 -19.15 7.73
N GLU A 166 16.44 -19.90 6.92
CA GLU A 166 17.85 -20.20 7.19
C GLU A 166 18.63 -18.88 7.21
N ALA A 167 18.43 -18.05 6.19
CA ALA A 167 19.13 -16.76 6.13
C ALA A 167 18.96 -15.94 7.39
N ILE A 168 17.72 -15.77 7.86
CA ILE A 168 17.51 -14.95 9.05
C ILE A 168 18.01 -15.63 10.33
N ARG A 169 18.03 -16.96 10.35
CA ARG A 169 18.51 -17.71 11.52
C ARG A 169 19.97 -17.33 11.76
N GLN A 170 20.71 -17.23 10.66
CA GLN A 170 22.14 -16.90 10.70
C GLN A 170 22.46 -15.52 11.27
N PHE A 171 21.49 -14.61 11.27
CA PHE A 171 21.72 -13.26 11.80
C PHE A 171 22.10 -13.23 13.27
N ARG A 172 21.53 -14.12 14.07
CA ARG A 172 21.83 -14.14 15.51
C ARG A 172 23.33 -14.24 15.72
N PHE A 173 23.98 -15.20 15.07
CA PHE A 173 25.40 -15.34 15.21
C PHE A 173 26.17 -14.18 14.59
N ASP A 174 25.76 -13.75 13.41
CA ASP A 174 26.42 -12.63 12.72
C ASP A 174 26.36 -11.33 13.51
N GLU A 175 25.19 -11.01 14.07
CA GLU A 175 25.00 -9.75 14.79
C GLU A 175 25.42 -9.71 16.26
N GLY A 176 25.66 -10.87 16.87
CA GLY A 176 26.04 -10.87 18.26
C GLY A 176 24.82 -10.77 19.16
N GLU A 177 24.97 -11.24 20.40
CA GLU A 177 23.91 -11.25 21.38
C GLU A 177 23.21 -9.93 21.64
N GLY A 178 21.90 -10.00 21.83
CA GLY A 178 21.10 -8.82 22.12
C GLY A 178 20.68 -7.97 20.93
N ASN A 179 21.12 -8.32 19.73
CA ASN A 179 20.78 -7.53 18.55
C ASN A 179 19.74 -8.14 17.61
N THR A 180 19.27 -9.35 17.92
CA THR A 180 18.26 -9.99 17.08
C THR A 180 17.15 -10.55 17.93
N LEU A 181 15.92 -10.44 17.43
CA LEU A 181 14.75 -10.95 18.11
C LEU A 181 13.89 -11.69 17.09
N TYR A 182 13.31 -12.82 17.49
CA TYR A 182 12.48 -13.59 16.58
C TYR A 182 11.08 -13.73 17.12
N LEU A 183 10.12 -13.33 16.30
CA LEU A 183 8.71 -13.38 16.65
C LEU A 183 7.97 -14.27 15.66
N HIS A 184 7.08 -15.12 16.18
CA HIS A 184 6.30 -16.04 15.37
C HIS A 184 4.80 -15.89 15.66
N LEU A 185 4.03 -15.73 14.58
CA LEU A 185 2.58 -15.57 14.65
C LEU A 185 1.88 -16.87 14.24
N THR A 186 0.94 -17.33 15.05
CA THR A 186 0.23 -18.57 14.76
C THR A 186 -1.26 -18.45 14.98
N LEU A 187 -2.01 -19.39 14.39
CA LEU A 187 -3.46 -19.43 14.53
C LEU A 187 -3.86 -20.32 15.71
N VAL A 188 -4.71 -19.79 16.58
CA VAL A 188 -5.22 -20.58 17.71
C VAL A 188 -6.72 -20.62 17.49
N PRO A 189 -7.23 -21.73 16.96
CA PRO A 189 -8.67 -21.86 16.71
C PRO A 189 -9.44 -21.80 18.03
N TYR A 190 -10.60 -21.15 17.99
CA TYR A 190 -11.45 -21.04 19.15
C TYR A 190 -12.82 -21.65 18.83
N LEU A 191 -13.24 -22.62 19.63
CA LEU A 191 -14.52 -23.26 19.42
C LEU A 191 -15.58 -22.47 20.19
N GLU A 192 -16.50 -21.85 19.46
CA GLU A 192 -17.56 -21.05 20.08
C GLU A 192 -18.39 -21.90 21.03
N THR A 193 -18.59 -23.17 20.69
CA THR A 193 -19.35 -24.09 21.52
C THR A 193 -18.52 -24.49 22.73
N SER A 194 -17.57 -25.39 22.50
CA SER A 194 -16.69 -25.88 23.55
C SER A 194 -16.11 -24.74 24.37
N GLU A 195 -16.10 -23.54 23.79
CA GLU A 195 -15.55 -22.36 24.46
C GLU A 195 -14.07 -22.59 24.75
N GLU A 196 -13.38 -23.30 23.86
CA GLU A 196 -11.97 -23.60 24.05
C GLU A 196 -11.03 -23.17 22.93
N PHE A 197 -9.80 -22.83 23.32
CA PHE A 197 -8.75 -22.43 22.39
C PHE A 197 -7.89 -23.65 22.11
N LYS A 198 -7.69 -23.97 20.84
CA LYS A 198 -6.87 -25.12 20.47
C LYS A 198 -5.45 -24.63 20.23
N THR A 199 -4.55 -25.05 21.10
CA THR A 199 -3.15 -24.63 21.04
C THR A 199 -2.21 -25.60 20.33
N LYS A 200 -2.69 -26.78 19.95
CA LYS A 200 -1.81 -27.73 19.29
C LYS A 200 -1.20 -27.24 17.99
N PRO A 201 -1.99 -26.54 17.17
CA PRO A 201 -1.38 -26.06 15.92
C PRO A 201 -0.19 -25.19 16.23
N THR A 202 -0.33 -24.32 17.23
CA THR A 202 0.77 -23.46 17.63
C THR A 202 1.96 -24.31 18.08
N GLN A 203 1.67 -25.32 18.90
CA GLN A 203 2.72 -26.19 19.41
C GLN A 203 3.48 -26.87 18.28
N HIS A 204 2.76 -27.44 17.33
CA HIS A 204 3.38 -28.13 16.21
C HIS A 204 4.17 -27.17 15.30
N SER A 205 3.62 -25.97 15.08
CA SER A 205 4.28 -24.98 14.25
C SER A 205 5.63 -24.53 14.83
N VAL A 206 5.64 -24.19 16.12
CA VAL A 206 6.87 -23.77 16.78
C VAL A 206 7.89 -24.90 16.75
N ALA A 207 7.42 -26.14 16.93
CA ALA A 207 8.28 -27.31 16.92
C ALA A 207 8.95 -27.46 15.53
N THR A 208 8.20 -27.16 14.48
CA THR A 208 8.70 -27.21 13.11
C THR A 208 9.73 -26.10 12.92
N LEU A 209 9.43 -24.90 13.42
CA LEU A 209 10.34 -23.76 13.32
C LEU A 209 11.67 -24.07 14.01
N ARG A 210 11.57 -24.70 15.17
CA ARG A 210 12.72 -25.08 15.98
C ARG A 210 13.54 -26.09 15.19
N GLY A 211 12.83 -26.96 14.49
CA GLY A 211 13.47 -27.98 13.67
C GLY A 211 14.32 -27.39 12.56
N VAL A 212 13.93 -26.22 12.02
CA VAL A 212 14.75 -25.61 10.98
C VAL A 212 15.87 -24.81 11.66
N GLY A 213 15.81 -24.68 12.98
CA GLY A 213 16.85 -23.97 13.71
C GLY A 213 16.54 -22.63 14.35
N ILE A 214 15.27 -22.26 14.40
CA ILE A 214 14.89 -20.99 14.99
C ILE A 214 14.03 -21.15 16.24
N GLN A 215 14.44 -20.47 17.31
CA GLN A 215 13.69 -20.48 18.56
C GLN A 215 13.05 -19.11 18.69
N PRO A 216 11.71 -19.05 18.60
CA PRO A 216 11.08 -17.73 18.74
C PRO A 216 11.26 -17.19 20.15
N ASP A 217 11.41 -15.86 20.25
CA ASP A 217 11.58 -15.20 21.54
C ASP A 217 10.24 -14.66 21.97
N ILE A 218 9.40 -14.39 20.99
CA ILE A 218 8.08 -13.85 21.23
C ILE A 218 7.07 -14.56 20.34
N LEU A 219 5.87 -14.77 20.86
CA LEU A 219 4.81 -15.41 20.11
C LEU A 219 3.56 -14.54 20.14
N VAL A 220 2.83 -14.55 19.04
CA VAL A 220 1.60 -13.79 18.95
C VAL A 220 0.57 -14.80 18.48
N LEU A 221 -0.48 -14.98 19.26
CA LEU A 221 -1.53 -15.93 18.94
C LEU A 221 -2.73 -15.25 18.30
N ARG A 222 -2.96 -15.56 17.03
CA ARG A 222 -4.07 -14.99 16.29
C ARG A 222 -5.30 -15.83 16.62
N SER A 223 -6.38 -15.17 17.00
CA SER A 223 -7.60 -15.89 17.34
C SER A 223 -8.76 -14.91 17.31
N ALA A 224 -9.98 -15.43 17.21
CA ALA A 224 -11.16 -14.58 17.18
C ALA A 224 -11.13 -13.61 18.34
N ARG A 225 -10.87 -14.12 19.54
CA ARG A 225 -10.80 -13.27 20.71
C ARG A 225 -9.44 -13.43 21.38
N PRO A 226 -9.09 -12.52 22.29
CA PRO A 226 -7.80 -12.63 22.96
C PRO A 226 -7.67 -13.97 23.69
N VAL A 227 -6.45 -14.48 23.76
CA VAL A 227 -6.17 -15.75 24.42
C VAL A 227 -5.94 -15.50 25.90
N PRO A 228 -6.70 -16.18 26.77
CA PRO A 228 -6.60 -16.07 28.24
C PRO A 228 -5.18 -16.29 28.74
N GLU A 229 -4.86 -15.63 29.85
CA GLU A 229 -3.53 -15.74 30.47
C GLU A 229 -3.14 -17.19 30.78
N GLU A 230 -4.06 -17.95 31.34
CA GLU A 230 -3.79 -19.35 31.67
C GLU A 230 -3.38 -20.13 30.43
N VAL A 231 -4.11 -19.91 29.33
CA VAL A 231 -3.81 -20.58 28.07
C VAL A 231 -2.48 -20.11 27.53
N ARG A 232 -2.23 -18.81 27.60
CA ARG A 232 -0.98 -18.26 27.11
C ARG A 232 0.21 -18.86 27.88
N ARG A 233 0.02 -19.10 29.17
CA ARG A 233 1.09 -19.67 29.99
C ARG A 233 1.39 -21.10 29.56
N LYS A 234 0.34 -21.87 29.27
CA LYS A 234 0.53 -23.24 28.80
C LYS A 234 1.37 -23.22 27.53
N VAL A 235 1.04 -22.33 26.61
CA VAL A 235 1.77 -22.23 25.34
C VAL A 235 3.21 -21.82 25.61
N ALA A 236 3.39 -20.85 26.50
CA ALA A 236 4.73 -20.39 26.84
C ALA A 236 5.59 -21.57 27.30
N LEU A 237 5.07 -22.32 28.27
CA LEU A 237 5.81 -23.45 28.81
C LEU A 237 6.15 -24.55 27.81
N PHE A 238 5.24 -24.90 26.89
CA PHE A 238 5.61 -25.93 25.95
C PHE A 238 6.38 -25.44 24.71
N THR A 239 6.53 -24.13 24.55
CA THR A 239 7.28 -23.61 23.40
C THR A 239 8.68 -23.11 23.71
N ASN A 240 8.98 -22.94 25.00
CA ASN A 240 10.29 -22.43 25.47
C ASN A 240 10.27 -20.89 25.47
N VAL A 241 9.11 -20.30 25.26
CA VAL A 241 9.00 -18.84 25.25
C VAL A 241 8.49 -18.41 26.62
N ARG A 242 9.13 -17.42 27.23
CA ARG A 242 8.69 -16.99 28.55
C ARG A 242 7.27 -16.44 28.51
N PRO A 243 6.49 -16.71 29.58
CA PRO A 243 5.09 -16.27 29.70
C PRO A 243 4.82 -14.82 29.31
N GLY A 244 5.65 -13.90 29.80
CA GLY A 244 5.46 -12.50 29.46
C GLY A 244 5.71 -12.18 27.99
N HIS A 245 6.20 -13.16 27.24
CA HIS A 245 6.47 -12.94 25.81
C HIS A 245 5.48 -13.61 24.86
N VAL A 246 4.33 -14.01 25.39
CA VAL A 246 3.28 -14.60 24.57
C VAL A 246 2.14 -13.58 24.58
N PHE A 247 1.76 -13.14 23.38
CA PHE A 247 0.71 -12.13 23.24
C PHE A 247 -0.44 -12.57 22.35
N SER A 248 -1.52 -11.80 22.37
CA SER A 248 -2.70 -12.09 21.56
C SER A 248 -2.85 -11.11 20.41
N SER A 249 -3.52 -11.57 19.37
CA SER A 249 -3.83 -10.76 18.20
C SER A 249 -5.29 -11.11 17.93
N PRO A 250 -6.22 -10.44 18.61
CA PRO A 250 -7.65 -10.70 18.41
C PRO A 250 -8.13 -10.00 17.15
N THR A 251 -9.28 -10.39 16.63
CA THR A 251 -9.76 -9.72 15.45
C THR A 251 -10.40 -8.44 15.96
N VAL A 252 -10.24 -7.34 15.21
CA VAL A 252 -10.79 -6.07 15.64
C VAL A 252 -11.49 -5.33 14.50
N GLU A 253 -12.34 -4.38 14.87
CA GLU A 253 -13.07 -3.57 13.91
C GLU A 253 -12.14 -2.78 13.00
N HIS A 254 -11.27 -1.97 13.60
CA HIS A 254 -10.36 -1.12 12.83
C HIS A 254 -8.91 -1.54 12.92
N LEU A 255 -8.24 -1.56 11.77
CA LEU A 255 -6.83 -1.92 11.72
C LEU A 255 -5.96 -1.07 12.64
N TYR A 256 -6.28 0.22 12.74
CA TYR A 256 -5.52 1.15 13.57
C TYR A 256 -5.55 0.80 15.06
N GLU A 257 -6.43 -0.12 15.43
CA GLU A 257 -6.52 -0.55 16.83
C GLU A 257 -5.36 -1.48 17.18
N VAL A 258 -4.85 -2.20 16.19
CA VAL A 258 -3.78 -3.16 16.45
C VAL A 258 -2.56 -2.61 17.18
N PRO A 259 -1.93 -1.54 16.67
CA PRO A 259 -0.77 -1.01 17.39
C PRO A 259 -1.12 -0.79 18.87
N LEU A 260 -2.27 -0.20 19.11
CA LEU A 260 -2.75 0.10 20.45
C LEU A 260 -2.91 -1.11 21.36
N LEU A 261 -3.59 -2.15 20.88
CA LEU A 261 -3.81 -3.33 21.70
C LEU A 261 -2.52 -4.08 21.98
N LEU A 262 -1.60 -4.09 21.01
CA LEU A 262 -0.32 -4.76 21.19
C LEU A 262 0.52 -4.03 22.24
N GLU A 263 0.53 -2.71 22.16
CA GLU A 263 1.30 -1.91 23.11
C GLU A 263 0.75 -2.10 24.52
N GLU A 264 -0.58 -2.07 24.63
CA GLU A 264 -1.25 -2.23 25.92
C GLU A 264 -0.88 -3.56 26.58
N GLN A 265 -0.87 -4.64 25.80
CA GLN A 265 -0.53 -5.96 26.33
C GLN A 265 0.95 -5.96 26.75
N GLY A 266 1.76 -5.13 26.11
CA GLY A 266 3.17 -5.08 26.47
C GLY A 266 4.16 -5.54 25.41
N LEU A 267 3.72 -5.61 24.15
CA LEU A 267 4.63 -6.04 23.09
C LEU A 267 5.79 -5.07 22.92
N GLY A 268 5.48 -3.77 22.95
CA GLY A 268 6.51 -2.75 22.80
C GLY A 268 7.57 -2.89 23.88
N ARG A 269 7.14 -2.91 25.13
CA ARG A 269 8.07 -3.07 26.24
C ARG A 269 8.90 -4.34 26.11
N ALA A 270 8.22 -5.46 25.83
CA ALA A 270 8.92 -6.73 25.68
C ALA A 270 10.00 -6.64 24.59
N VAL A 271 9.66 -6.01 23.47
CA VAL A 271 10.62 -5.85 22.38
C VAL A 271 11.84 -5.00 22.74
N GLU A 272 11.61 -3.86 23.39
CA GLU A 272 12.72 -2.98 23.78
C GLU A 272 13.68 -3.76 24.66
N ARG A 273 13.11 -4.39 25.68
CA ARG A 273 13.91 -5.17 26.62
C ARG A 273 14.71 -6.26 25.91
N ALA A 274 14.02 -7.08 25.12
CA ALA A 274 14.67 -8.17 24.40
C ALA A 274 15.83 -7.67 23.55
N LEU A 275 15.75 -6.44 23.06
CA LEU A 275 16.82 -5.88 22.24
C LEU A 275 17.82 -5.08 23.12
N GLY A 276 17.60 -5.15 24.43
CA GLY A 276 18.47 -4.46 25.37
C GLY A 276 18.52 -2.95 25.19
N LEU A 277 17.37 -2.35 24.95
CA LEU A 277 17.28 -0.89 24.76
C LEU A 277 16.62 -0.28 25.97
N GLU A 278 17.01 0.94 26.32
CA GLU A 278 16.42 1.63 27.47
C GLU A 278 14.96 1.96 27.17
N ALA A 279 14.08 1.66 28.13
CA ALA A 279 12.66 1.90 27.96
C ALA A 279 12.29 3.32 27.51
N VAL A 280 11.47 3.40 26.45
CA VAL A 280 11.02 4.68 25.94
C VAL A 280 9.50 4.67 25.95
N ILE A 281 8.89 5.72 26.50
CA ILE A 281 7.43 5.79 26.55
C ILE A 281 6.94 6.23 25.18
N PRO A 282 6.26 5.33 24.45
CA PRO A 282 5.76 5.71 23.13
C PRO A 282 4.68 6.78 23.19
N ASN A 283 4.60 7.59 22.14
CA ASN A 283 3.58 8.61 22.06
C ASN A 283 2.63 8.06 21.00
N LEU A 284 1.51 7.51 21.46
CA LEU A 284 0.55 6.93 20.55
C LEU A 284 -0.68 7.82 20.37
N SER A 285 -0.53 9.10 20.65
CA SER A 285 -1.63 10.07 20.56
C SER A 285 -2.34 10.07 19.19
N PHE A 286 -1.59 9.97 18.10
CA PHE A 286 -2.24 9.96 16.80
C PHE A 286 -3.17 8.76 16.61
N TRP A 287 -2.67 7.58 16.92
CA TRP A 287 -3.47 6.37 16.75
C TRP A 287 -4.70 6.37 17.64
N GLN A 288 -4.54 6.81 18.88
CA GLN A 288 -5.66 6.82 19.81
C GLN A 288 -6.81 7.69 19.31
N GLU A 289 -6.48 8.86 18.76
CA GLU A 289 -7.48 9.79 18.26
C GLU A 289 -8.09 9.30 16.96
N ALA A 290 -7.25 8.75 16.09
CA ALA A 290 -7.72 8.25 14.81
C ALA A 290 -8.72 7.13 15.07
N VAL A 291 -8.44 6.30 16.07
CA VAL A 291 -9.34 5.21 16.39
C VAL A 291 -10.61 5.77 17.03
N ARG A 292 -10.46 6.86 17.78
CA ARG A 292 -11.61 7.48 18.43
C ARG A 292 -12.54 8.04 17.35
N VAL A 293 -11.95 8.67 16.34
CA VAL A 293 -12.73 9.25 15.24
C VAL A 293 -13.45 8.15 14.48
N LEU A 294 -12.76 7.03 14.24
CA LEU A 294 -13.35 5.91 13.51
C LEU A 294 -14.50 5.25 14.26
N LYS A 295 -14.45 5.30 15.59
CA LYS A 295 -15.51 4.71 16.39
C LYS A 295 -16.64 5.70 16.62
N HIS A 296 -16.32 6.98 16.61
CA HIS A 296 -17.33 8.01 16.83
C HIS A 296 -17.23 9.15 15.81
N PRO A 297 -17.64 8.89 14.57
CA PRO A 297 -17.58 9.94 13.55
C PRO A 297 -18.65 11.02 13.81
N GLU A 298 -18.27 12.28 13.64
CA GLU A 298 -19.21 13.38 13.83
C GLU A 298 -20.35 13.25 12.83
N ARG A 299 -20.01 12.77 11.63
CA ARG A 299 -20.98 12.62 10.56
C ARG A 299 -20.53 11.48 9.64
N THR A 300 -21.37 11.11 8.68
CA THR A 300 -21.02 10.07 7.73
C THR A 300 -21.61 10.41 6.36
N VAL A 301 -20.80 10.25 5.33
CA VAL A 301 -21.23 10.51 3.96
C VAL A 301 -20.93 9.30 3.11
N LYS A 302 -21.66 9.17 2.02
CA LYS A 302 -21.48 8.04 1.13
C LYS A 302 -21.04 8.49 -0.25
N ILE A 303 -20.03 7.83 -0.80
CA ILE A 303 -19.54 8.14 -2.12
C ILE A 303 -19.49 6.84 -2.90
N ALA A 304 -19.57 6.94 -4.21
CA ALA A 304 -19.55 5.76 -5.05
C ALA A 304 -18.24 5.61 -5.80
N ILE A 305 -17.79 4.37 -5.90
CA ILE A 305 -16.58 4.04 -6.62
C ILE A 305 -17.04 3.24 -7.83
N ALA A 306 -16.98 3.87 -8.99
CA ALA A 306 -17.39 3.24 -10.23
C ALA A 306 -16.14 2.62 -10.84
N GLY A 307 -15.80 1.42 -10.38
CA GLY A 307 -14.62 0.76 -10.88
C GLY A 307 -14.91 -0.53 -11.62
N LYS A 308 -13.91 -1.03 -12.34
CA LYS A 308 -14.05 -2.25 -13.11
C LYS A 308 -13.54 -3.47 -12.35
N TYR A 309 -13.18 -3.28 -11.09
CA TYR A 309 -12.67 -4.38 -10.27
C TYR A 309 -13.40 -4.43 -8.94
N VAL A 310 -14.61 -3.89 -8.91
CA VAL A 310 -15.41 -3.86 -7.69
C VAL A 310 -15.80 -5.27 -7.28
N ASP A 314 -8.77 -6.68 -2.63
CA ASP A 314 -7.87 -5.57 -2.22
C ASP A 314 -7.31 -4.84 -3.45
N ALA A 315 -8.09 -4.80 -4.52
CA ALA A 315 -7.67 -4.15 -5.76
C ALA A 315 -7.45 -2.66 -5.57
N TYR A 316 -8.20 -2.06 -4.64
CA TYR A 316 -8.11 -0.63 -4.36
C TYR A 316 -7.71 -0.41 -2.89
N LEU A 317 -6.86 -1.27 -2.36
CA LEU A 317 -6.43 -1.16 -0.98
C LEU A 317 -5.98 0.24 -0.62
N SER A 318 -4.96 0.75 -1.32
CA SER A 318 -4.45 2.09 -1.04
C SER A 318 -5.49 3.18 -1.23
N LEU A 319 -6.41 2.97 -2.18
CA LEU A 319 -7.46 3.94 -2.46
C LEU A 319 -8.40 4.06 -1.26
N LEU A 320 -8.89 2.91 -0.79
CA LEU A 320 -9.79 2.85 0.35
C LEU A 320 -9.12 3.39 1.61
N GLU A 321 -7.82 3.13 1.75
CA GLU A 321 -7.08 3.64 2.90
C GLU A 321 -7.06 5.16 2.82
N ALA A 322 -6.82 5.67 1.61
CA ALA A 322 -6.77 7.11 1.38
C ALA A 322 -8.11 7.77 1.75
N LEU A 323 -9.21 7.09 1.44
CA LEU A 323 -10.52 7.63 1.79
C LEU A 323 -10.64 7.68 3.31
N ARG A 324 -10.20 6.62 3.98
CA ARG A 324 -10.27 6.54 5.44
C ARG A 324 -9.47 7.66 6.09
N HIS A 325 -8.27 7.92 5.56
CA HIS A 325 -7.41 8.98 6.09
C HIS A 325 -8.13 10.33 5.98
N ALA A 326 -8.75 10.55 4.83
CA ALA A 326 -9.46 11.79 4.57
C ALA A 326 -10.68 11.88 5.48
N GLY A 327 -11.37 10.77 5.64
CA GLY A 327 -12.54 10.76 6.50
C GLY A 327 -12.16 11.20 7.90
N ILE A 328 -11.13 10.57 8.46
CA ILE A 328 -10.67 10.93 9.80
C ILE A 328 -10.41 12.43 9.91
N LYS A 329 -9.66 12.98 8.96
CA LYS A 329 -9.34 14.40 9.00
C LYS A 329 -10.60 15.25 8.94
N ASN A 330 -11.61 14.78 8.21
CA ASN A 330 -12.88 15.50 8.12
C ASN A 330 -13.81 15.08 9.25
N ARG A 331 -13.29 14.24 10.15
CA ARG A 331 -14.07 13.75 11.28
C ARG A 331 -15.40 13.17 10.81
N ALA A 332 -15.36 12.49 9.66
CA ALA A 332 -16.57 11.89 9.10
C ALA A 332 -16.31 10.47 8.60
N ARG A 333 -17.32 9.62 8.70
CA ARG A 333 -17.22 8.25 8.26
C ARG A 333 -17.58 8.23 6.77
N VAL A 334 -16.71 7.62 5.96
CA VAL A 334 -16.97 7.56 4.53
C VAL A 334 -17.45 6.18 4.12
N GLU A 335 -18.70 6.09 3.69
CA GLU A 335 -19.28 4.83 3.26
C GLU A 335 -19.12 4.69 1.75
N VAL A 336 -18.61 3.55 1.32
CA VAL A 336 -18.37 3.28 -0.09
C VAL A 336 -19.44 2.43 -0.75
N LYS A 337 -20.02 2.95 -1.82
CA LYS A 337 -21.01 2.19 -2.57
C LYS A 337 -20.31 1.71 -3.83
N TRP A 338 -20.16 0.40 -3.96
CA TRP A 338 -19.50 -0.15 -5.13
C TRP A 338 -20.42 -0.18 -6.35
N VAL A 339 -20.03 0.55 -7.38
CA VAL A 339 -20.83 0.59 -8.60
C VAL A 339 -20.02 0.00 -9.75
N ASP A 340 -20.47 -1.16 -10.22
CA ASP A 340 -19.81 -1.85 -11.31
C ASP A 340 -19.84 -1.04 -12.60
N ALA A 341 -18.68 -0.55 -13.00
CA ALA A 341 -18.56 0.28 -14.21
C ALA A 341 -19.34 -0.23 -15.42
N GLU A 342 -19.07 -1.47 -15.82
CA GLU A 342 -19.74 -2.06 -16.99
C GLU A 342 -21.27 -1.98 -16.95
N SER A 343 -21.86 -2.24 -15.78
CA SER A 343 -23.31 -2.22 -15.63
C SER A 343 -23.93 -0.86 -15.98
N LEU A 344 -23.13 0.19 -15.89
CA LEU A 344 -23.63 1.53 -16.20
C LEU A 344 -24.05 1.66 -17.66
N ALA A 347 -28.72 0.15 -15.98
CA ALA A 347 -28.04 1.31 -16.61
C ALA A 347 -28.70 2.62 -16.17
N ASP A 348 -29.45 2.55 -15.07
CA ASP A 348 -30.14 3.72 -14.52
C ASP A 348 -29.21 4.43 -13.54
N LEU A 349 -28.61 5.53 -13.99
CA LEU A 349 -27.69 6.29 -13.16
C LEU A 349 -28.32 6.96 -11.95
N GLU A 350 -29.59 7.35 -12.08
CA GLU A 350 -30.30 8.00 -10.97
C GLU A 350 -30.38 7.07 -9.76
N GLU A 351 -30.65 5.80 -10.01
CA GLU A 351 -30.74 4.81 -8.92
C GLU A 351 -29.36 4.32 -8.52
N ALA A 352 -28.46 4.23 -9.49
CA ALA A 352 -27.10 3.75 -9.23
C ALA A 352 -26.37 4.70 -8.29
N PHE A 353 -26.63 5.99 -8.43
CA PHE A 353 -25.99 6.99 -7.59
C PHE A 353 -26.96 7.60 -6.58
N ARG A 354 -28.00 6.86 -6.25
CA ARG A 354 -28.99 7.33 -5.30
C ARG A 354 -28.37 7.33 -3.90
N ASP A 355 -28.52 8.45 -3.20
CA ASP A 355 -27.95 8.58 -1.86
C ASP A 355 -26.42 8.53 -1.96
N VAL A 356 -25.89 9.21 -2.96
CA VAL A 356 -24.45 9.28 -3.19
C VAL A 356 -24.06 10.75 -3.28
N SER A 357 -23.12 11.16 -2.43
CA SER A 357 -22.69 12.56 -2.40
C SER A 357 -21.34 12.78 -3.06
N GLY A 358 -20.83 11.76 -3.72
CA GLY A 358 -19.55 11.87 -4.38
C GLY A 358 -19.31 10.66 -5.26
N ILE A 359 -18.67 10.88 -6.40
CA ILE A 359 -18.38 9.80 -7.33
C ILE A 359 -16.89 9.76 -7.64
N LEU A 360 -16.29 8.59 -7.42
CA LEU A 360 -14.88 8.39 -7.64
C LEU A 360 -14.66 7.36 -8.74
N VAL A 361 -13.84 7.70 -9.72
CA VAL A 361 -13.52 6.79 -10.80
C VAL A 361 -12.03 6.50 -10.69
N PRO A 362 -11.68 5.32 -10.17
CA PRO A 362 -10.31 4.84 -9.96
C PRO A 362 -9.60 4.33 -11.21
N GLY A 363 -8.36 3.86 -11.02
CA GLY A 363 -7.57 3.38 -12.13
C GLY A 363 -7.89 1.98 -12.64
N GLY A 364 -7.32 1.65 -13.80
CA GLY A 364 -7.51 0.36 -14.41
C GLY A 364 -6.91 0.32 -15.80
N PHE A 365 -6.89 -0.87 -16.39
CA PHE A 365 -6.36 -1.07 -17.75
C PHE A 365 -7.41 -1.87 -18.52
N GLY A 366 -7.41 -1.73 -19.84
CA GLY A 366 -8.38 -2.49 -20.64
C GLY A 366 -9.68 -1.74 -20.92
N VAL A 367 -10.31 -2.10 -22.04
CA VAL A 367 -11.56 -1.45 -22.46
C VAL A 367 -12.73 -1.75 -21.53
N ARG A 368 -12.73 -2.92 -20.92
CA ARG A 368 -13.80 -3.30 -20.01
C ARG A 368 -14.19 -2.18 -19.06
N GLY A 369 -15.47 -1.81 -19.10
CA GLY A 369 -15.99 -0.79 -18.22
C GLY A 369 -15.70 0.66 -18.56
N ILE A 370 -14.91 0.90 -19.60
CA ILE A 370 -14.57 2.28 -19.99
C ILE A 370 -15.80 3.14 -20.29
N GLU A 371 -16.64 2.66 -21.20
CA GLU A 371 -17.84 3.41 -21.56
C GLU A 371 -18.75 3.60 -20.34
N GLY A 372 -18.72 2.64 -19.42
CA GLY A 372 -19.53 2.73 -18.23
C GLY A 372 -19.04 3.84 -17.32
N LYS A 373 -17.71 3.96 -17.23
CA LYS A 373 -17.09 5.00 -16.41
C LYS A 373 -17.40 6.36 -17.03
N VAL A 374 -17.31 6.42 -18.36
CA VAL A 374 -17.60 7.65 -19.11
C VAL A 374 -18.96 8.21 -18.70
N ARG A 375 -19.94 7.33 -18.59
CA ARG A 375 -21.28 7.74 -18.20
C ARG A 375 -21.31 8.29 -16.77
N ALA A 376 -20.54 7.67 -15.87
CA ALA A 376 -20.50 8.12 -14.48
C ALA A 376 -19.92 9.54 -14.42
N ALA A 377 -18.89 9.79 -15.21
CA ALA A 377 -18.25 11.09 -15.25
C ALA A 377 -19.23 12.15 -15.76
N GLN A 378 -19.85 11.87 -16.91
CA GLN A 378 -20.81 12.80 -17.48
C GLN A 378 -21.89 13.11 -16.45
N TYR A 379 -22.44 12.06 -15.85
CA TYR A 379 -23.47 12.23 -14.85
C TYR A 379 -22.99 13.07 -13.67
N ALA A 380 -21.72 12.90 -13.30
CA ALA A 380 -21.16 13.65 -12.18
C ALA A 380 -20.85 15.10 -12.55
N ARG A 381 -20.64 15.36 -13.84
CA ARG A 381 -20.33 16.70 -14.29
C ARG A 381 -21.59 17.54 -14.46
N GLU A 382 -22.64 16.91 -14.98
CA GLU A 382 -23.90 17.60 -15.19
C GLU A 382 -24.71 17.79 -13.92
N ARG A 383 -24.77 16.75 -13.09
CA ARG A 383 -25.54 16.81 -11.85
C ARG A 383 -24.79 17.48 -10.70
N LYS A 384 -23.71 18.19 -11.03
CA LYS A 384 -22.91 18.89 -10.02
C LYS A 384 -22.58 18.03 -8.80
N ILE A 385 -22.15 16.80 -9.06
CA ILE A 385 -21.80 15.88 -7.98
C ILE A 385 -20.29 15.80 -7.88
N PRO A 386 -19.74 15.93 -6.65
CA PRO A 386 -18.29 15.87 -6.46
C PRO A 386 -17.67 14.70 -7.24
N TYR A 387 -16.60 14.99 -7.97
CA TYR A 387 -15.95 13.98 -8.78
C TYR A 387 -14.45 13.91 -8.59
N LEU A 388 -13.94 12.71 -8.33
CA LEU A 388 -12.50 12.51 -8.19
C LEU A 388 -12.10 11.38 -9.12
N GLY A 389 -11.20 11.68 -10.05
CA GLY A 389 -10.74 10.68 -11.00
C GLY A 389 -9.26 10.44 -10.79
N ILE A 390 -8.91 9.17 -10.60
CA ILE A 390 -7.51 8.80 -10.37
C ILE A 390 -6.94 8.09 -11.59
N CYS A 391 -5.87 8.64 -12.14
CA CYS A 391 -5.21 8.08 -13.31
C CYS A 391 -6.23 7.84 -14.44
N LEU A 392 -6.71 6.60 -14.59
CA LEU A 392 -7.70 6.32 -15.63
C LEU A 392 -8.90 7.24 -15.38
N GLY A 393 -9.14 7.58 -14.12
CA GLY A 393 -10.23 8.46 -13.77
C GLY A 393 -10.14 9.79 -14.47
N LEU A 394 -8.91 10.30 -14.64
CA LEU A 394 -8.70 11.57 -15.32
C LEU A 394 -8.89 11.39 -16.81
N GLN A 395 -8.35 10.31 -17.33
CA GLN A 395 -8.45 10.03 -18.75
C GLN A 395 -9.90 9.89 -19.15
N ILE A 396 -10.70 9.32 -18.27
CA ILE A 396 -12.11 9.15 -18.52
C ILE A 396 -12.76 10.53 -18.63
N ALA A 397 -12.51 11.36 -17.62
CA ALA A 397 -13.06 12.70 -17.57
C ALA A 397 -12.69 13.50 -18.82
N VAL A 398 -11.45 13.37 -19.26
CA VAL A 398 -10.96 14.06 -20.44
C VAL A 398 -11.71 13.56 -21.68
N ILE A 399 -11.95 12.25 -21.71
CA ILE A 399 -12.66 11.65 -22.81
C ILE A 399 -14.12 12.11 -22.82
N GLU A 400 -14.77 12.08 -21.66
CA GLU A 400 -16.18 12.49 -21.58
C GLU A 400 -16.35 13.97 -21.89
N PHE A 401 -15.40 14.78 -21.45
CA PHE A 401 -15.45 16.22 -21.69
C PHE A 401 -15.23 16.47 -23.18
N ALA A 402 -14.27 15.76 -23.75
CA ALA A 402 -13.94 15.91 -25.17
C ALA A 402 -15.16 15.63 -26.03
N ARG A 403 -15.87 14.54 -25.71
CA ARG A 403 -17.05 14.14 -26.46
C ARG A 403 -18.25 15.07 -26.28
N ASN A 404 -18.68 15.25 -25.02
CA ASN A 404 -19.86 16.04 -24.73
C ASN A 404 -19.77 17.55 -24.47
N VAL A 405 -18.57 18.11 -24.49
CA VAL A 405 -18.44 19.55 -24.26
C VAL A 405 -17.66 20.20 -25.40
N ALA A 406 -16.70 19.46 -25.96
CA ALA A 406 -15.91 19.97 -27.07
C ALA A 406 -16.42 19.37 -28.39
N GLY A 407 -17.50 18.61 -28.28
CA GLY A 407 -18.10 18.00 -29.45
C GLY A 407 -17.16 17.16 -30.29
N LEU A 408 -16.13 16.59 -29.69
CA LEU A 408 -15.21 15.74 -30.44
C LEU A 408 -15.79 14.33 -30.48
N LYS A 409 -16.72 14.10 -31.41
CA LYS A 409 -17.36 12.80 -31.52
C LYS A 409 -16.39 11.64 -31.65
N GLY A 410 -16.68 10.57 -30.92
CA GLY A 410 -15.83 9.39 -30.96
C GLY A 410 -14.51 9.52 -30.21
N ALA A 411 -14.29 10.68 -29.58
CA ALA A 411 -13.06 10.88 -28.85
C ALA A 411 -12.82 9.68 -27.93
N ASN A 412 -11.56 9.36 -27.67
CA ASN A 412 -11.23 8.24 -26.81
C ASN A 412 -9.73 8.17 -26.60
N SER A 413 -9.31 7.11 -25.92
CA SER A 413 -7.90 6.86 -25.70
C SER A 413 -7.56 5.77 -26.70
N THR A 414 -6.35 5.81 -27.25
CA THR A 414 -5.93 4.80 -28.21
C THR A 414 -5.78 3.45 -27.51
N GLU A 415 -5.86 3.44 -26.19
CA GLU A 415 -5.76 2.20 -25.40
C GLU A 415 -7.02 1.41 -25.62
N PHE A 416 -8.14 2.12 -25.75
CA PHE A 416 -9.44 1.49 -25.92
C PHE A 416 -9.91 1.47 -27.37
N ASP A 417 -9.53 2.50 -28.12
CA ASP A 417 -9.89 2.58 -29.54
C ASP A 417 -8.67 3.14 -30.27
N PRO A 418 -7.80 2.25 -30.76
CA PRO A 418 -6.59 2.69 -31.47
C PRO A 418 -6.89 3.49 -32.73
N HIS A 419 -8.13 3.40 -33.20
CA HIS A 419 -8.51 4.10 -34.43
C HIS A 419 -9.46 5.27 -34.27
N THR A 420 -9.65 5.76 -33.05
CA THR A 420 -10.53 6.89 -32.82
C THR A 420 -10.03 8.08 -33.65
N PRO A 421 -10.95 8.91 -34.16
CA PRO A 421 -10.55 10.08 -34.96
C PRO A 421 -10.04 11.23 -34.09
N HIS A 422 -10.13 11.05 -32.78
CA HIS A 422 -9.67 12.06 -31.84
C HIS A 422 -9.00 11.39 -30.65
N PRO A 423 -7.70 11.06 -30.79
CA PRO A 423 -6.96 10.42 -29.72
C PRO A 423 -6.60 11.44 -28.64
N VAL A 424 -7.59 11.86 -27.85
CA VAL A 424 -7.33 12.85 -26.80
C VAL A 424 -6.43 12.27 -25.70
N ILE A 425 -6.22 10.96 -25.74
CA ILE A 425 -5.34 10.26 -24.80
C ILE A 425 -4.62 9.22 -25.64
N ASP A 426 -3.29 9.23 -25.56
CA ASP A 426 -2.49 8.34 -26.37
C ASP A 426 -1.16 8.04 -25.66
N LEU A 427 -0.29 7.25 -26.29
CA LEU A 427 1.01 6.93 -25.71
C LEU A 427 1.85 8.20 -25.54
N MET A 428 3.00 8.05 -24.88
CA MET A 428 3.93 9.15 -24.65
C MET A 428 4.27 9.80 -26.01
N PRO A 429 4.00 11.11 -26.16
CA PRO A 429 4.30 11.82 -27.41
C PRO A 429 5.75 11.56 -27.84
N GLU A 430 5.93 11.14 -29.09
CA GLU A 430 7.26 10.85 -29.64
C GLU A 430 8.29 11.94 -29.39
N GLN A 431 7.85 13.19 -29.42
CA GLN A 431 8.76 14.32 -29.21
C GLN A 431 9.29 14.34 -27.78
N LEU A 432 8.40 14.07 -26.83
CA LEU A 432 8.74 14.10 -25.40
C LEU A 432 9.39 12.82 -24.90
N GLU A 433 9.59 11.85 -25.78
CA GLU A 433 10.19 10.58 -25.39
C GLU A 433 11.70 10.64 -25.38
N VAL A 434 12.33 9.63 -24.77
CA VAL A 434 13.78 9.56 -24.69
C VAL A 434 14.26 8.22 -25.23
N GLY A 438 11.22 4.42 -23.60
CA GLY A 438 10.71 4.25 -25.00
C GLY A 438 9.24 3.85 -24.98
N GLY A 439 8.99 2.59 -24.62
CA GLY A 439 7.63 2.10 -24.53
C GLY A 439 7.39 1.68 -23.10
N THR A 440 7.97 2.44 -22.18
CA THR A 440 7.87 2.17 -20.75
C THR A 440 6.88 3.13 -20.11
N MET A 441 6.28 2.71 -19.01
CA MET A 441 5.32 3.58 -18.32
C MET A 441 6.07 4.61 -17.49
N ARG A 442 5.33 5.60 -17.00
CA ARG A 442 5.89 6.61 -16.12
C ARG A 442 5.61 5.95 -14.77
N LEU A 443 6.66 5.72 -14.00
CA LEU A 443 6.55 5.05 -12.70
C LEU A 443 7.22 5.86 -11.60
N GLY A 444 6.71 5.74 -10.38
CA GLY A 444 7.29 6.45 -9.26
C GLY A 444 6.99 7.93 -9.22
N ASP A 445 7.65 8.65 -8.31
CA ASP A 445 7.43 10.08 -8.17
C ASP A 445 7.82 10.90 -9.41
N TRP A 446 6.97 11.86 -9.74
CA TRP A 446 7.21 12.79 -10.83
C TRP A 446 6.78 14.13 -10.30
N PRO A 447 7.58 15.18 -10.55
CA PRO A 447 7.20 16.51 -10.06
C PRO A 447 5.95 17.05 -10.75
N MET A 448 5.08 17.66 -9.95
CA MET A 448 3.83 18.23 -10.46
C MET A 448 3.76 19.71 -10.09
N ARG A 449 3.70 20.59 -11.10
CA ARG A 449 3.61 22.03 -10.86
C ARG A 449 2.13 22.43 -10.86
N ILE A 450 1.62 22.78 -9.70
CA ILE A 450 0.22 23.18 -9.58
C ILE A 450 0.04 24.64 -9.97
N LYS A 451 -1.08 24.95 -10.61
CA LYS A 451 -1.38 26.32 -11.04
C LYS A 451 -2.13 27.09 -9.96
N PRO A 452 -1.61 28.27 -9.58
CA PRO A 452 -2.24 29.12 -8.56
C PRO A 452 -3.70 29.42 -8.86
N GLY A 453 -4.51 29.55 -7.80
CA GLY A 453 -5.92 29.87 -7.98
C GLY A 453 -6.85 28.74 -8.38
N THR A 454 -6.29 27.55 -8.62
CA THR A 454 -7.10 26.40 -9.00
C THR A 454 -7.62 25.68 -7.76
N LEU A 455 -8.48 24.69 -8.00
CA LEU A 455 -9.02 23.89 -6.91
C LEU A 455 -7.89 23.03 -6.39
N LEU A 456 -7.03 22.60 -7.31
CA LEU A 456 -5.87 21.78 -6.98
C LEU A 456 -4.98 22.53 -6.01
N HIS A 457 -4.79 23.82 -6.29
CA HIS A 457 -3.95 24.67 -5.46
C HIS A 457 -4.56 24.85 -4.08
N ARG A 458 -5.87 25.08 -4.04
CA ARG A 458 -6.56 25.26 -2.76
C ARG A 458 -6.36 24.05 -1.88
N LEU A 459 -6.42 22.86 -2.48
CA LEU A 459 -6.26 21.63 -1.72
C LEU A 459 -4.85 21.41 -1.19
N TYR A 460 -3.85 21.46 -2.06
CA TYR A 460 -2.47 21.23 -1.62
C TYR A 460 -1.89 22.39 -0.81
N GLY A 461 -1.99 23.60 -1.36
CA GLY A 461 -1.45 24.76 -0.67
C GLY A 461 0.00 24.92 -1.03
N LYS A 462 0.39 24.26 -2.11
CA LYS A 462 1.77 24.31 -2.61
C LYS A 462 1.69 24.45 -4.11
N GLU A 463 2.80 24.83 -4.74
CA GLU A 463 2.85 25.00 -6.18
C GLU A 463 3.67 23.89 -6.82
N GLU A 464 4.41 23.16 -5.99
CA GLU A 464 5.24 22.08 -6.49
C GLU A 464 5.19 20.90 -5.52
N VAL A 465 4.87 19.72 -6.05
CA VAL A 465 4.78 18.52 -5.23
C VAL A 465 5.14 17.28 -6.05
N LEU A 466 5.29 16.15 -5.38
CA LEU A 466 5.61 14.90 -6.04
C LEU A 466 4.49 13.90 -5.79
N GLU A 467 4.10 13.18 -6.85
CA GLU A 467 3.06 12.15 -6.75
C GLU A 467 3.54 10.95 -7.56
N ARG A 468 3.15 9.75 -7.13
CA ARG A 468 3.58 8.52 -7.79
C ARG A 468 2.72 8.11 -8.99
N HIS A 469 3.39 7.65 -10.04
CA HIS A 469 2.72 7.23 -11.27
C HIS A 469 2.92 5.77 -11.66
N ARG A 470 1.98 5.28 -12.47
CA ARG A 470 2.00 3.95 -13.07
C ARG A 470 0.97 3.92 -14.19
N HIS A 471 1.36 4.43 -15.35
CA HIS A 471 0.48 4.47 -16.52
C HIS A 471 1.31 4.71 -17.78
N ARG A 472 0.80 4.30 -18.93
CA ARG A 472 1.53 4.51 -20.18
C ARG A 472 0.82 5.43 -21.16
N TYR A 473 -0.29 6.02 -20.73
CA TYR A 473 -1.06 6.94 -21.57
C TYR A 473 -1.11 8.35 -21.00
N GLU A 474 -1.04 9.34 -21.88
CA GLU A 474 -1.06 10.74 -21.46
C GLU A 474 -2.10 11.53 -22.22
N VAL A 475 -2.41 12.73 -21.72
CA VAL A 475 -3.35 13.61 -22.39
C VAL A 475 -2.59 14.09 -23.63
N ASN A 476 -3.18 13.91 -24.79
CA ASN A 476 -2.52 14.32 -26.03
C ASN A 476 -2.40 15.83 -26.06
N PRO A 477 -1.17 16.34 -26.11
CA PRO A 477 -0.88 17.78 -26.15
C PRO A 477 -1.71 18.49 -27.21
N LEU A 478 -1.67 17.96 -28.43
CA LEU A 478 -2.38 18.50 -29.58
C LEU A 478 -3.83 18.88 -29.30
N TYR A 479 -4.44 18.28 -28.30
CA TYR A 479 -5.84 18.57 -28.00
C TYR A 479 -6.06 19.50 -26.79
N VAL A 480 -5.00 19.73 -26.02
CA VAL A 480 -5.10 20.58 -24.83
C VAL A 480 -5.70 21.97 -25.12
N ASP A 481 -5.07 22.69 -26.05
CA ASP A 481 -5.55 24.04 -26.42
C ASP A 481 -7.05 24.06 -26.63
N GLY A 482 -7.53 23.20 -27.53
CA GLY A 482 -8.95 23.14 -27.79
C GLY A 482 -9.82 22.84 -26.58
N LEU A 483 -9.45 21.81 -25.82
CA LEU A 483 -10.22 21.43 -24.64
C LEU A 483 -10.28 22.57 -23.63
N GLU A 484 -9.18 23.31 -23.52
CA GLU A 484 -9.16 24.44 -22.59
C GLU A 484 -10.16 25.48 -23.08
N ARG A 485 -10.22 25.69 -24.39
CA ARG A 485 -11.16 26.65 -24.95
C ARG A 485 -12.58 26.19 -24.66
N ALA A 486 -12.79 24.88 -24.64
CA ALA A 486 -14.11 24.35 -24.37
C ALA A 486 -14.47 24.56 -22.90
N GLY A 487 -13.47 24.88 -22.09
CA GLY A 487 -13.72 25.12 -20.68
C GLY A 487 -12.99 24.20 -19.71
N LEU A 488 -12.12 23.33 -20.23
CA LEU A 488 -11.37 22.42 -19.36
C LEU A 488 -10.16 23.15 -18.79
N VAL A 489 -9.89 22.93 -17.51
CA VAL A 489 -8.78 23.58 -16.85
C VAL A 489 -7.65 22.62 -16.54
N VAL A 490 -6.45 22.99 -16.97
CA VAL A 490 -5.27 22.20 -16.70
C VAL A 490 -4.65 22.83 -15.45
N SER A 491 -5.03 22.32 -14.29
CA SER A 491 -4.55 22.86 -13.02
C SER A 491 -3.16 22.36 -12.63
N ALA A 492 -2.58 21.49 -13.45
CA ALA A 492 -1.26 20.97 -13.16
C ALA A 492 -0.59 20.35 -14.37
N THR A 493 0.73 20.47 -14.41
CA THR A 493 1.55 19.93 -15.47
C THR A 493 2.83 19.46 -14.82
N THR A 494 3.64 18.68 -15.55
CA THR A 494 4.90 18.23 -14.99
C THR A 494 6.03 18.77 -15.87
N PRO A 495 7.10 19.26 -15.24
CA PRO A 495 8.23 19.80 -16.01
C PRO A 495 9.01 18.64 -16.62
N GLY A 496 8.56 17.43 -16.37
CA GLY A 496 9.22 16.26 -16.90
C GLY A 496 10.25 15.72 -15.93
N MET A 497 10.97 14.68 -16.36
CA MET A 497 11.98 14.06 -15.52
C MET A 497 12.98 13.35 -16.44
N ARG A 498 14.26 13.65 -16.26
CA ARG A 498 15.32 13.04 -17.08
C ARG A 498 15.05 13.32 -18.55
N GLY A 499 14.53 14.51 -18.84
CA GLY A 499 14.25 14.88 -20.21
C GLY A 499 13.11 14.11 -20.83
N ARG A 500 12.18 13.64 -20.01
CA ARG A 500 11.03 12.90 -20.52
C ARG A 500 9.71 13.47 -20.04
N GLY A 501 8.72 13.48 -20.94
CA GLY A 501 7.41 13.98 -20.58
C GLY A 501 7.32 15.44 -20.20
N ALA A 502 8.22 16.25 -20.74
CA ALA A 502 8.21 17.68 -20.44
C ALA A 502 6.87 18.26 -20.86
N GLY A 503 6.20 18.94 -19.92
CA GLY A 503 4.92 19.57 -20.21
C GLY A 503 3.64 18.77 -20.07
N LEU A 504 3.75 17.45 -19.88
CA LEU A 504 2.55 16.61 -19.75
C LEU A 504 1.53 17.09 -18.73
N VAL A 505 0.25 16.94 -19.04
CA VAL A 505 -0.81 17.34 -18.12
C VAL A 505 -0.88 16.34 -16.95
N GLU A 506 -0.91 16.85 -15.72
CA GLU A 506 -0.97 15.99 -14.54
C GLU A 506 -2.33 16.06 -13.86
N ALA A 507 -3.06 17.17 -14.06
CA ALA A 507 -4.38 17.31 -13.45
C ALA A 507 -5.31 18.20 -14.26
N ILE A 508 -6.60 17.95 -14.09
CA ILE A 508 -7.65 18.70 -14.77
C ILE A 508 -8.76 18.92 -13.76
N GLU A 509 -9.52 19.99 -13.96
CA GLU A 509 -10.64 20.31 -13.10
C GLU A 509 -11.63 21.18 -13.87
N LEU A 510 -12.81 21.36 -13.30
CA LEU A 510 -13.84 22.17 -13.92
C LEU A 510 -14.14 23.39 -13.06
N LYS A 511 -14.14 24.56 -13.68
CA LYS A 511 -14.38 25.81 -12.97
C LYS A 511 -15.81 25.93 -12.43
N ASP A 512 -16.80 25.64 -13.27
CA ASP A 512 -18.19 25.75 -12.85
C ASP A 512 -18.76 24.47 -12.26
N HIS A 513 -18.15 24.01 -11.18
CA HIS A 513 -18.58 22.77 -10.53
C HIS A 513 -18.13 22.81 -9.08
N PRO A 514 -18.92 22.28 -8.15
CA PRO A 514 -18.50 22.31 -6.74
C PRO A 514 -17.16 21.61 -6.51
N PHE A 515 -16.97 20.45 -7.15
CA PHE A 515 -15.74 19.69 -7.03
C PHE A 515 -15.59 18.67 -8.16
N PHE A 516 -14.73 18.96 -9.12
CA PHE A 516 -14.50 18.07 -10.25
C PHE A 516 -13.00 18.07 -10.48
N LEU A 517 -12.32 17.03 -10.03
CA LEU A 517 -10.88 16.95 -10.15
C LEU A 517 -10.34 15.61 -10.60
N GLY A 518 -9.25 15.65 -11.37
CA GLY A 518 -8.65 14.43 -11.85
C GLY A 518 -7.13 14.55 -11.85
N LEU A 519 -6.45 13.44 -11.57
CA LEU A 519 -5.00 13.44 -11.57
C LEU A 519 -4.50 12.20 -12.32
N GLN A 520 -3.36 12.35 -12.99
CA GLN A 520 -2.74 11.27 -13.73
C GLN A 520 -2.02 10.28 -12.81
N SER A 521 -1.57 10.77 -11.67
CA SER A 521 -0.86 9.95 -10.70
C SER A 521 -1.82 9.23 -9.77
N HIS A 522 -1.25 8.41 -8.88
CA HIS A 522 -2.01 7.68 -7.87
C HIS A 522 -1.71 8.36 -6.54
N PRO A 523 -2.46 9.41 -6.19
CA PRO A 523 -2.14 10.05 -4.90
C PRO A 523 -2.46 9.20 -3.67
N GLU A 524 -3.19 8.10 -3.85
CA GLU A 524 -3.52 7.21 -2.72
C GLU A 524 -2.23 6.59 -2.19
N PHE A 525 -1.32 6.27 -3.10
CA PHE A 525 -0.07 5.63 -2.72
C PHE A 525 0.77 6.38 -1.69
N LYS A 526 0.59 7.69 -1.63
CA LYS A 526 1.36 8.51 -0.69
C LYS A 526 0.53 8.85 0.54
N SER A 527 -0.77 8.61 0.48
CA SER A 527 -1.61 8.94 1.61
C SER A 527 -1.23 8.16 2.87
N ARG A 528 -1.10 8.89 3.97
CA ARG A 528 -0.74 8.30 5.26
C ARG A 528 -1.83 8.68 6.25
N PRO A 529 -2.17 7.81 7.19
CA PRO A 529 -3.21 8.22 8.13
C PRO A 529 -2.85 9.50 8.88
N MET A 530 -1.55 9.72 9.08
CA MET A 530 -1.07 10.90 9.78
C MET A 530 -1.01 12.11 8.85
N ARG A 531 -0.94 11.85 7.55
CA ARG A 531 -0.87 12.93 6.55
C ARG A 531 -1.68 12.52 5.32
N PRO A 532 -2.98 12.82 5.32
CA PRO A 532 -3.88 12.48 4.22
C PRO A 532 -3.53 13.16 2.91
N SER A 533 -3.93 12.55 1.79
CA SER A 533 -3.68 13.09 0.47
C SER A 533 -4.72 14.20 0.23
N PRO A 534 -4.26 15.44 0.00
CA PRO A 534 -5.21 16.53 -0.22
C PRO A 534 -6.33 16.26 -1.24
N PRO A 535 -6.02 15.66 -2.41
CA PRO A 535 -7.10 15.40 -3.37
C PRO A 535 -8.28 14.64 -2.74
N PHE A 536 -7.97 13.71 -1.84
CA PHE A 536 -9.02 12.94 -1.19
C PHE A 536 -9.64 13.74 -0.05
N VAL A 537 -8.83 14.54 0.62
CA VAL A 537 -9.32 15.37 1.72
C VAL A 537 -10.40 16.29 1.17
N GLY A 538 -10.11 16.89 0.01
CA GLY A 538 -11.04 17.81 -0.63
C GLY A 538 -12.26 17.08 -1.17
N PHE A 539 -12.04 15.91 -1.75
CA PHE A 539 -13.15 15.12 -2.29
C PHE A 539 -14.16 14.82 -1.17
N VAL A 540 -13.67 14.38 -0.02
CA VAL A 540 -14.54 14.08 1.12
C VAL A 540 -15.23 15.34 1.61
N GLU A 541 -14.47 16.42 1.68
CA GLU A 541 -14.99 17.71 2.13
C GLU A 541 -16.12 18.16 1.21
N ALA A 542 -15.91 18.03 -0.10
CA ALA A 542 -16.91 18.42 -1.07
C ALA A 542 -18.14 17.52 -0.95
N ALA A 543 -17.89 16.23 -0.71
CA ALA A 543 -18.98 15.27 -0.56
C ALA A 543 -19.88 15.73 0.59
N LEU A 544 -19.25 15.97 1.74
CA LEU A 544 -19.98 16.44 2.92
C LEU A 544 -20.78 17.68 2.52
N ALA A 545 -20.11 18.61 1.84
CA ALA A 545 -20.76 19.83 1.40
C ALA A 545 -22.01 19.45 0.61
N TYR A 546 -21.83 18.64 -0.44
CA TYR A 546 -22.94 18.20 -1.27
C TYR A 546 -24.09 17.62 -0.44
N GLN A 547 -23.75 16.83 0.59
CA GLN A 547 -24.78 16.24 1.43
C GLN A 547 -25.51 17.32 2.24
N GLU A 548 -25.03 18.56 2.10
CA GLU A 548 -25.62 19.72 2.80
C GLU A 548 -25.24 19.75 4.28
#